data_8VS5
#
_entry.id   8VS5
#
_cell.length_a   85.172
_cell.length_b   85.172
_cell.length_c   110.282
_cell.angle_alpha   90.000
_cell.angle_beta   90.000
_cell.angle_gamma   90.000
#
_symmetry.space_group_name_H-M   'P 43 21 2'
#
loop_
_entity.id
_entity.type
_entity.pdbx_description
1 polymer 'Telomere resolvase ResT'
2 water water
#
_entity_poly.entity_id   1
_entity_poly.type   'polypeptide(L)'
_entity_poly.pdbx_seq_one_letter_code
;NVKINLNTYIEIIKLLLNQNRDIRLKFYGVLMAIGRRPVEVMKLSQFYIADKNHIRMEFIAKKRENNIINEVVFPVFADP
ELIINSIKEIRYMEQTENLTKELISSNLSYSYNRLFRQIFNNIFAPEESVYFCRAIYCKFSYLAFAPKNMEMNYWITKVL
GHEPNDITTAFHYNRYVLDNLNDKADNNLLKLLNQRIYTYVR
;
_entity_poly.pdbx_strand_id   A
#
# COMPACT_ATOMS: atom_id res chain seq x y z
N ASN A 1 13.36 4.76 -13.69
CA ASN A 1 13.15 4.16 -12.38
C ASN A 1 13.18 5.27 -11.31
N VAL A 2 12.03 5.90 -11.15
CA VAL A 2 11.89 7.11 -10.34
C VAL A 2 12.07 6.81 -8.85
N LYS A 3 12.70 7.75 -8.14
CA LYS A 3 12.75 7.75 -6.69
C LYS A 3 11.67 8.67 -6.14
N ILE A 4 10.95 8.22 -5.12
CA ILE A 4 9.82 8.97 -4.59
C ILE A 4 10.05 9.22 -3.11
N ASN A 5 9.51 10.34 -2.62
CA ASN A 5 9.52 10.63 -1.20
C ASN A 5 8.16 10.30 -0.58
N LEU A 6 8.10 10.38 0.76
CA LEU A 6 6.91 9.99 1.49
C LEU A 6 5.66 10.71 0.99
N ASN A 7 5.73 12.04 0.85
CA ASN A 7 4.56 12.79 0.38
C ASN A 7 4.10 12.28 -0.98
N THR A 8 5.04 12.06 -1.90
CA THR A 8 4.67 11.44 -3.16
C THR A 8 4.01 10.09 -2.94
N TYR A 9 4.56 9.29 -2.02
CA TYR A 9 4.01 7.97 -1.76
C TYR A 9 2.55 8.07 -1.34
N ILE A 10 2.25 8.99 -0.44
CA ILE A 10 0.88 9.12 0.07
C ILE A 10 -0.08 9.49 -1.05
N GLU A 11 0.32 10.42 -1.92
CA GLU A 11 -0.57 10.84 -3.01
C GLU A 11 -0.81 9.71 -3.99
N ILE A 12 0.22 8.91 -4.29
CA ILE A 12 0.00 7.76 -5.16
C ILE A 12 -1.06 6.85 -4.56
N ILE A 13 -0.94 6.56 -3.27
CA ILE A 13 -1.93 5.73 -2.59
C ILE A 13 -3.31 6.35 -2.69
N LYS A 14 -3.42 7.68 -2.49
CA LYS A 14 -4.73 8.32 -2.68
C LYS A 14 -5.26 8.12 -4.09
N LEU A 15 -4.41 8.27 -5.12
CA LEU A 15 -4.89 8.08 -6.48
C LEU A 15 -5.52 6.69 -6.64
N LEU A 16 -4.79 5.65 -6.22
CA LEU A 16 -5.27 4.28 -6.44
C LEU A 16 -6.49 3.97 -5.59
N LEU A 17 -6.53 4.48 -4.35
CA LEU A 17 -7.69 4.19 -3.52
C LEU A 17 -8.92 4.96 -3.98
N ASN A 18 -8.75 6.11 -4.60
CA ASN A 18 -9.89 6.96 -4.90
C ASN A 18 -10.37 6.85 -6.34
N GLN A 19 -9.70 6.06 -7.17
CA GLN A 19 -10.12 5.98 -8.55
C GLN A 19 -11.32 5.06 -8.68
N ASN A 20 -12.07 5.24 -9.78
CA ASN A 20 -13.38 4.63 -10.00
C ASN A 20 -13.34 3.53 -11.04
N ARG A 21 -12.16 3.19 -11.56
CA ARG A 21 -12.08 2.42 -12.78
C ARG A 21 -11.83 0.93 -12.55
N ASP A 22 -11.04 0.58 -11.54
CA ASP A 22 -10.60 -0.80 -11.43
C ASP A 22 -10.44 -1.15 -9.95
N ILE A 23 -11.16 -2.17 -9.51
CA ILE A 23 -10.97 -2.67 -8.15
C ILE A 23 -9.56 -3.22 -7.99
N ARG A 24 -9.00 -3.79 -9.06
CA ARG A 24 -7.63 -4.29 -8.98
C ARG A 24 -6.65 -3.18 -8.63
N LEU A 25 -6.87 -1.96 -9.15
CA LEU A 25 -5.99 -0.85 -8.77
C LEU A 25 -6.10 -0.56 -7.29
N LYS A 26 -7.34 -0.57 -6.78
CA LYS A 26 -7.58 -0.36 -5.36
C LYS A 26 -6.85 -1.38 -4.52
N PHE A 27 -6.71 -2.60 -5.05
CA PHE A 27 -5.93 -3.63 -4.36
C PHE A 27 -4.49 -3.21 -4.17
N TYR A 28 -3.84 -2.72 -5.23
CA TYR A 28 -2.46 -2.28 -5.08
C TYR A 28 -2.35 -1.08 -4.15
N GLY A 29 -3.36 -0.19 -4.15
CA GLY A 29 -3.36 0.89 -3.20
C GLY A 29 -3.35 0.39 -1.77
N VAL A 30 -4.17 -0.63 -1.49
CA VAL A 30 -4.20 -1.23 -0.16
C VAL A 30 -2.84 -1.85 0.20
N LEU A 31 -2.27 -2.63 -0.72
CA LEU A 31 -0.95 -3.24 -0.46
C LEU A 31 0.11 -2.18 -0.13
N MET A 32 0.13 -1.09 -0.89
CA MET A 32 1.08 -0.01 -0.57
C MET A 32 0.73 0.66 0.75
N ALA A 33 -0.54 0.69 1.11
CA ALA A 33 -0.91 1.47 2.27
C ALA A 33 -0.69 0.73 3.60
N ILE A 34 -0.65 -0.60 3.60
CA ILE A 34 -0.65 -1.34 4.87
C ILE A 34 0.32 -2.51 4.89
N GLY A 35 0.90 -2.85 3.75
CA GLY A 35 1.91 -3.89 3.70
C GLY A 35 1.50 -5.28 4.14
N ARG A 36 0.21 -5.61 4.06
CA ARG A 36 -0.19 -6.98 4.37
C ARG A 36 0.04 -7.88 3.16
N ARG A 37 0.06 -9.19 3.40
CA ARG A 37 0.08 -10.15 2.31
C ARG A 37 -1.28 -10.14 1.60
N PRO A 38 -1.29 -10.39 0.29
CA PRO A 38 -2.58 -10.39 -0.44
C PRO A 38 -3.62 -11.32 0.16
N VAL A 39 -3.22 -12.52 0.57
CA VAL A 39 -4.19 -13.45 1.13
C VAL A 39 -4.85 -12.84 2.37
N GLU A 40 -4.06 -12.20 3.25
CA GLU A 40 -4.62 -11.56 4.43
C GLU A 40 -5.61 -10.46 4.03
N VAL A 41 -5.30 -9.71 2.99
CA VAL A 41 -6.28 -8.75 2.47
C VAL A 41 -7.50 -9.47 1.95
N MET A 42 -7.31 -10.57 1.22
CA MET A 42 -8.43 -11.18 0.50
C MET A 42 -9.34 -12.04 1.37
N LYS A 43 -8.89 -12.52 2.53
CA LYS A 43 -9.72 -13.45 3.29
C LYS A 43 -9.14 -13.65 4.68
N LEU A 44 -10.00 -14.16 5.57
CA LEU A 44 -9.61 -14.76 6.85
C LEU A 44 -8.98 -13.76 7.82
N SER A 45 -9.17 -12.48 7.59
CA SER A 45 -8.68 -11.47 8.52
C SER A 45 -9.74 -10.39 8.64
N GLN A 46 -9.85 -9.83 9.84
CA GLN A 46 -10.73 -8.69 10.07
C GLN A 46 -9.87 -7.49 10.41
N PHE A 47 -10.24 -6.34 9.84
CA PHE A 47 -9.48 -5.10 10.02
C PHE A 47 -10.32 -4.11 10.80
N TYR A 48 -9.67 -3.39 11.71
CA TYR A 48 -10.35 -2.44 12.59
C TYR A 48 -9.49 -1.20 12.77
N ILE A 49 -10.14 -0.07 12.99
CA ILE A 49 -9.40 1.16 13.22
C ILE A 49 -8.75 1.10 14.61
N ALA A 50 -7.47 1.45 14.67
CA ALA A 50 -6.75 1.55 15.94
C ALA A 50 -6.41 2.98 16.34
N ASP A 51 -6.24 3.88 15.37
CA ASP A 51 -5.57 5.17 15.55
C ASP A 51 -6.01 6.03 14.39
N LYS A 52 -5.72 7.33 14.48
CA LYS A 52 -5.86 8.13 13.25
C LYS A 52 -5.04 7.56 12.10
N ASN A 53 -3.99 6.75 12.38
CA ASN A 53 -3.19 6.21 11.29
C ASN A 53 -2.64 4.83 11.60
N HIS A 54 -3.34 4.05 12.43
CA HIS A 54 -3.04 2.64 12.57
C HIS A 54 -4.29 1.80 12.39
N ILE A 55 -4.08 0.57 11.91
CA ILE A 55 -5.12 -0.43 11.77
C ILE A 55 -4.76 -1.64 12.63
N ARG A 56 -5.78 -2.29 13.19
CA ARG A 56 -5.63 -3.56 13.91
C ARG A 56 -6.18 -4.71 13.07
N MET A 57 -5.32 -5.70 12.79
CA MET A 57 -5.71 -6.88 12.03
C MET A 57 -5.88 -8.02 13.03
N GLU A 58 -7.08 -8.62 13.05
CA GLU A 58 -7.32 -9.79 13.88
C GLU A 58 -7.34 -11.02 13.00
N PHE A 59 -6.87 -12.12 13.56
CA PHE A 59 -6.67 -13.35 12.80
C PHE A 59 -6.33 -14.46 13.76
N ILE A 60 -6.43 -15.70 13.27
CA ILE A 60 -5.89 -16.87 13.96
C ILE A 60 -4.64 -17.30 13.22
N ALA A 61 -3.65 -17.77 13.98
CA ALA A 61 -2.34 -18.14 13.44
C ALA A 61 -2.16 -19.65 13.43
N ASN A 67 -6.64 -17.52 24.86
CA ASN A 67 -6.73 -16.37 23.97
C ASN A 67 -7.60 -16.66 22.74
N ILE A 68 -8.55 -15.77 22.50
CA ILE A 68 -9.58 -15.96 21.48
C ILE A 68 -9.13 -15.52 20.09
N ILE A 69 -7.98 -14.84 19.99
CA ILE A 69 -7.66 -14.16 18.74
C ILE A 69 -6.22 -13.67 18.79
N ASN A 70 -5.59 -13.57 17.62
CA ASN A 70 -4.30 -12.90 17.48
C ASN A 70 -4.53 -11.55 16.81
N GLU A 71 -3.96 -10.50 17.37
CA GLU A 71 -4.01 -9.21 16.70
C GLU A 71 -2.61 -8.76 16.29
N VAL A 72 -2.57 -7.87 15.32
CA VAL A 72 -1.36 -7.12 15.01
C VAL A 72 -1.76 -5.70 14.64
N VAL A 73 -1.06 -4.73 15.19
CA VAL A 73 -1.34 -3.33 14.90
C VAL A 73 -0.18 -2.78 14.09
N PHE A 74 -0.48 -2.12 12.99
CA PHE A 74 0.55 -1.59 12.11
C PHE A 74 0.16 -0.20 11.65
N PRO A 75 1.13 0.62 11.29
CA PRO A 75 0.83 1.96 10.77
C PRO A 75 0.40 1.88 9.30
N VAL A 76 -0.29 2.93 8.85
CA VAL A 76 -0.89 2.93 7.52
C VAL A 76 -0.74 4.29 6.85
N PHE A 77 -0.80 4.30 5.51
CA PHE A 77 -0.50 5.50 4.77
C PHE A 77 -1.70 6.07 4.02
N ALA A 78 -2.91 5.85 4.55
CA ALA A 78 -4.11 6.54 4.12
C ALA A 78 -5.08 6.50 5.28
N ASP A 79 -6.22 7.18 5.13
CA ASP A 79 -7.24 7.15 6.17
C ASP A 79 -7.68 5.70 6.39
N PRO A 80 -7.60 5.19 7.64
CA PRO A 80 -7.98 3.78 7.88
C PRO A 80 -9.37 3.43 7.42
N GLU A 81 -10.34 4.30 7.67
CA GLU A 81 -11.68 4.02 7.19
C GLU A 81 -11.71 3.90 5.67
N LEU A 82 -10.99 4.79 4.97
CA LEU A 82 -10.89 4.67 3.53
C LEU A 82 -10.29 3.32 3.13
N ILE A 83 -9.21 2.91 3.80
CA ILE A 83 -8.56 1.63 3.49
C ILE A 83 -9.51 0.47 3.74
N ILE A 84 -10.14 0.44 4.92
CA ILE A 84 -10.95 -0.71 5.25
C ILE A 84 -12.16 -0.81 4.34
N ASN A 85 -12.71 0.33 3.92
CA ASN A 85 -13.82 0.31 2.97
C ASN A 85 -13.39 -0.27 1.63
N SER A 86 -12.16 0.04 1.19
CA SER A 86 -11.63 -0.55 -0.05
C SER A 86 -11.52 -2.05 0.06
N ILE A 87 -11.03 -2.54 1.21
CA ILE A 87 -10.95 -3.98 1.42
C ILE A 87 -12.32 -4.62 1.28
N LYS A 88 -13.36 -3.97 1.81
CA LYS A 88 -14.71 -4.51 1.66
C LYS A 88 -15.09 -4.63 0.19
N GLU A 89 -14.87 -3.57 -0.60
CA GLU A 89 -15.14 -3.68 -2.03
C GLU A 89 -14.32 -4.78 -2.66
N ILE A 90 -13.01 -4.83 -2.35
CA ILE A 90 -12.14 -5.84 -2.94
C ILE A 90 -12.67 -7.24 -2.66
N ARG A 91 -13.01 -7.52 -1.40
CA ARG A 91 -13.56 -8.84 -1.11
C ARG A 91 -14.90 -9.07 -1.78
N TYR A 92 -15.70 -8.02 -1.96
CA TYR A 92 -16.99 -8.14 -2.63
C TYR A 92 -16.83 -8.47 -4.11
N MET A 93 -15.84 -7.88 -4.78
CA MET A 93 -15.59 -8.16 -6.19
C MET A 93 -14.86 -9.48 -6.41
N GLU A 94 -14.53 -10.22 -5.37
CA GLU A 94 -14.16 -11.61 -5.52
C GLU A 94 -15.30 -12.57 -5.16
N GLN A 95 -16.21 -12.15 -4.28
CA GLN A 95 -17.36 -13.00 -3.95
C GLN A 95 -18.42 -12.93 -5.04
N THR A 96 -18.59 -11.76 -5.66
CA THR A 96 -19.49 -11.64 -6.80
C THR A 96 -18.98 -12.35 -8.04
N GLU A 97 -17.69 -12.69 -8.09
CA GLU A 97 -17.17 -13.47 -9.21
C GLU A 97 -16.84 -14.91 -8.77
N TYR A 110 -1.68 -12.71 -12.57
CA TYR A 110 -1.38 -12.93 -13.99
C TYR A 110 -1.64 -11.64 -14.76
N SER A 111 -2.92 -11.38 -15.02
CA SER A 111 -3.34 -10.08 -15.56
C SER A 111 -3.05 -8.93 -14.60
N TYR A 112 -2.92 -9.22 -13.30
CA TYR A 112 -2.59 -8.19 -12.31
C TYR A 112 -1.24 -7.54 -12.57
N ASN A 113 -0.30 -8.27 -13.16
CA ASN A 113 1.01 -7.66 -13.34
C ASN A 113 1.04 -6.73 -14.55
N ARG A 114 0.40 -7.12 -15.66
CA ARG A 114 0.31 -6.20 -16.78
C ARG A 114 -0.55 -4.99 -16.44
N LEU A 115 -1.47 -5.11 -15.48
CA LEU A 115 -2.12 -3.92 -14.96
C LEU A 115 -1.11 -3.05 -14.22
N PHE A 116 -0.27 -3.66 -13.40
CA PHE A 116 0.75 -2.89 -12.68
C PHE A 116 1.68 -2.17 -13.65
N ARG A 117 2.02 -2.81 -14.78
CA ARG A 117 2.93 -2.17 -15.74
C ARG A 117 2.22 -1.05 -16.50
N GLN A 118 0.97 -1.26 -16.89
CA GLN A 118 0.20 -0.19 -17.56
C GLN A 118 0.24 1.11 -16.78
N ILE A 119 0.44 1.03 -15.48
CA ILE A 119 0.40 2.22 -14.63
C ILE A 119 1.79 2.68 -14.25
N PHE A 120 2.71 1.74 -14.04
CA PHE A 120 3.98 2.11 -13.44
C PHE A 120 5.20 1.89 -14.33
N ASN A 121 5.02 1.47 -15.59
CA ASN A 121 6.15 1.28 -16.47
C ASN A 121 7.03 2.51 -16.46
N ASN A 122 8.35 2.27 -16.36
CA ASN A 122 9.37 3.32 -16.32
C ASN A 122 9.29 4.18 -15.07
N ILE A 123 8.63 3.68 -14.02
CA ILE A 123 8.63 4.33 -12.73
C ILE A 123 9.07 3.30 -11.70
N PHE A 124 8.34 2.18 -11.61
CA PHE A 124 8.74 1.00 -10.86
C PHE A 124 8.75 -0.20 -11.79
N ALA A 125 9.83 -0.99 -11.74
CA ALA A 125 9.95 -2.17 -12.59
C ALA A 125 10.32 -3.46 -11.81
N PRO A 126 9.63 -3.70 -10.68
CA PRO A 126 9.98 -4.92 -9.91
C PRO A 126 9.70 -6.21 -10.66
N GLU A 127 10.43 -7.24 -10.25
CA GLU A 127 10.14 -8.60 -10.72
C GLU A 127 8.82 -9.09 -10.14
N GLU A 128 8.52 -8.74 -8.89
CA GLU A 128 7.27 -9.09 -8.24
C GLU A 128 6.67 -7.82 -7.66
N SER A 129 5.55 -7.38 -8.24
CA SER A 129 4.92 -6.15 -7.77
C SER A 129 4.47 -6.27 -6.31
N VAL A 130 3.97 -7.44 -5.92
CA VAL A 130 3.50 -7.63 -4.54
C VAL A 130 4.68 -7.47 -3.58
N TYR A 131 5.80 -8.14 -3.88
CA TYR A 131 6.98 -7.98 -3.02
C TYR A 131 7.45 -6.53 -3.01
N PHE A 132 7.40 -5.86 -4.16
CA PHE A 132 7.79 -4.45 -4.21
C PHE A 132 6.90 -3.63 -3.29
N CYS A 133 5.58 -3.80 -3.40
CA CYS A 133 4.64 -3.02 -2.61
C CYS A 133 4.87 -3.20 -1.11
N ARG A 134 5.14 -4.43 -0.68
CA ARG A 134 5.40 -4.66 0.73
C ARG A 134 6.75 -4.07 1.15
N ALA A 135 7.75 -4.17 0.27
CA ALA A 135 9.07 -3.66 0.62
C ALA A 135 9.07 -2.15 0.77
N ILE A 136 8.40 -1.46 -0.16
CA ILE A 136 8.32 0.00 -0.07
C ILE A 136 7.57 0.42 1.19
N TYR A 137 6.51 -0.33 1.54
CA TYR A 137 5.76 -0.05 2.75
C TYR A 137 6.65 -0.11 3.99
N CYS A 138 7.51 -1.15 4.08
CA CYS A 138 8.44 -1.22 5.20
C CYS A 138 9.29 0.03 5.30
N LYS A 139 9.93 0.41 4.19
CA LYS A 139 10.85 1.53 4.20
C LYS A 139 10.15 2.79 4.67
N PHE A 140 8.93 3.03 4.18
CA PHE A 140 8.27 4.28 4.52
C PHE A 140 7.72 4.24 5.95
N SER A 141 7.19 3.09 6.37
CA SER A 141 6.78 2.93 7.76
C SER A 141 7.93 3.23 8.72
N TYR A 142 9.12 2.74 8.40
CA TYR A 142 10.27 3.03 9.24
C TYR A 142 10.60 4.52 9.23
N LEU A 143 10.77 5.11 8.04
CA LEU A 143 11.04 6.53 7.91
C LEU A 143 10.02 7.38 8.65
N ALA A 144 8.75 6.96 8.61
CA ALA A 144 7.69 7.80 9.13
C ALA A 144 7.28 7.49 10.56
N PHE A 145 7.58 6.30 11.10
CA PHE A 145 7.08 5.96 12.44
C PHE A 145 8.12 5.44 13.40
N ALA A 146 9.23 4.92 12.93
CA ALA A 146 10.15 4.36 13.90
C ALA A 146 10.92 5.47 14.61
N PRO A 147 11.24 5.28 15.88
CA PRO A 147 12.05 6.27 16.59
C PRO A 147 13.45 6.31 16.03
N LYS A 148 14.15 7.41 16.33
CA LYS A 148 15.56 7.53 16.01
C LYS A 148 16.33 6.33 16.56
N ASN A 149 17.13 5.70 15.70
CA ASN A 149 18.12 4.67 16.06
C ASN A 149 17.55 3.26 16.20
N MET A 150 16.30 3.00 15.82
CA MET A 150 15.76 1.66 15.99
C MET A 150 16.31 0.73 14.93
N GLU A 151 16.71 -0.46 15.34
CA GLU A 151 17.21 -1.47 14.41
C GLU A 151 16.12 -1.85 13.41
N MET A 152 16.48 -1.84 12.12
CA MET A 152 15.50 -2.05 11.06
C MET A 152 14.98 -3.48 11.05
N ASN A 153 15.84 -4.46 11.34
CA ASN A 153 15.38 -5.85 11.35
C ASN A 153 14.29 -6.09 12.39
N TYR A 154 14.39 -5.46 13.58
CA TYR A 154 13.27 -5.57 14.50
C TYR A 154 12.03 -4.89 13.92
N TRP A 155 12.18 -3.71 13.33
CA TRP A 155 11.03 -2.98 12.84
C TRP A 155 10.28 -3.79 11.79
N ILE A 156 11.00 -4.41 10.87
CA ILE A 156 10.35 -5.18 9.81
C ILE A 156 9.51 -6.29 10.41
N THR A 157 10.12 -7.09 11.30
CA THR A 157 9.37 -8.18 11.90
C THR A 157 8.23 -7.66 12.76
N LYS A 158 8.40 -6.49 13.38
CA LYS A 158 7.29 -5.93 14.14
C LYS A 158 6.13 -5.58 13.21
N VAL A 159 6.39 -4.85 12.11
CA VAL A 159 5.27 -4.37 11.27
C VAL A 159 4.72 -5.50 10.38
N LEU A 160 5.55 -6.45 9.96
CA LEU A 160 5.03 -7.63 9.27
C LEU A 160 4.77 -8.77 10.25
N GLY A 161 5.68 -9.74 10.32
CA GLY A 161 5.54 -10.87 11.24
C GLY A 161 6.53 -11.99 10.95
N ASN A 174 17.42 -2.15 -0.84
CA ASN A 174 16.53 -1.60 -1.86
C ASN A 174 16.22 -0.13 -1.57
N ARG A 175 16.35 0.71 -2.60
CA ARG A 175 16.08 2.14 -2.45
C ARG A 175 15.46 2.67 -3.75
N TYR A 176 14.13 2.72 -3.75
CA TYR A 176 13.33 3.54 -4.65
C TYR A 176 12.87 4.81 -3.97
N VAL A 177 13.36 5.06 -2.75
CA VAL A 177 12.75 6.05 -1.87
C VAL A 177 13.76 7.13 -1.54
N LEU A 178 13.22 8.30 -1.20
CA LEU A 178 13.99 9.45 -0.74
C LEU A 178 13.75 9.62 0.76
N ASP A 179 14.84 9.62 1.53
CA ASP A 179 14.78 9.76 2.99
C ASP A 179 14.76 11.25 3.33
N ASN A 180 13.61 11.87 3.08
CA ASN A 180 13.42 13.28 3.43
C ASN A 180 11.93 13.51 3.53
N LEU A 181 11.46 13.78 4.75
CA LEU A 181 10.07 13.64 5.10
C LEU A 181 9.24 14.90 4.86
N ASN A 182 9.87 16.03 4.57
CA ASN A 182 9.12 17.26 4.38
C ASN A 182 9.22 17.80 2.96
N ASP A 183 9.94 17.13 2.06
CA ASP A 183 9.89 17.47 0.64
C ASP A 183 8.46 17.43 0.11
N LYS A 184 8.13 18.41 -0.72
CA LYS A 184 6.84 18.44 -1.41
C LYS A 184 6.68 17.22 -2.32
N ALA A 185 5.43 16.87 -2.61
CA ALA A 185 5.15 15.74 -3.49
C ALA A 185 5.53 16.07 -4.93
N ASP A 186 5.82 15.02 -5.70
CA ASP A 186 6.33 15.16 -7.07
C ASP A 186 5.13 15.29 -8.02
N ASN A 187 4.82 16.52 -8.42
CA ASN A 187 3.57 16.73 -9.14
C ASN A 187 3.61 16.22 -10.58
N ASN A 188 4.73 16.42 -11.27
CA ASN A 188 4.83 15.84 -12.62
C ASN A 188 4.67 14.33 -12.60
N LEU A 189 5.16 13.66 -11.56
CA LEU A 189 4.92 12.23 -11.46
C LEU A 189 3.44 11.95 -11.27
N LEU A 190 2.78 12.71 -10.40
CA LEU A 190 1.38 12.45 -10.11
C LEU A 190 0.50 12.68 -11.34
N LYS A 191 0.77 13.75 -12.09
CA LYS A 191 0.05 13.96 -13.34
C LYS A 191 0.20 12.78 -14.29
N LEU A 192 1.43 12.29 -14.45
CA LEU A 192 1.71 11.12 -15.27
C LEU A 192 0.83 9.95 -14.86
N LEU A 193 0.80 9.64 -13.57
CA LEU A 193 0.02 8.51 -13.08
C LEU A 193 -1.47 8.77 -13.20
N ASN A 194 -1.91 9.98 -12.86
CA ASN A 194 -3.32 10.31 -13.00
C ASN A 194 -3.77 10.12 -14.44
N GLN A 195 -2.97 10.60 -15.40
CA GLN A 195 -3.32 10.42 -16.80
C GLN A 195 -3.42 8.95 -17.16
N ARG A 196 -2.48 8.15 -16.66
CA ARG A 196 -2.49 6.74 -16.97
C ARG A 196 -3.74 6.06 -16.43
N ILE A 197 -4.12 6.40 -15.20
CA ILE A 197 -5.24 5.72 -14.56
C ILE A 197 -6.52 5.93 -15.35
N TYR A 198 -6.70 7.14 -15.90
CA TYR A 198 -7.96 7.47 -16.55
C TYR A 198 -7.90 7.31 -18.06
N THR A 199 -6.81 6.76 -18.61
CA THR A 199 -6.76 6.56 -20.05
C THR A 199 -6.29 5.18 -20.48
N TYR A 200 -5.97 4.29 -19.54
CA TYR A 200 -5.62 2.93 -19.96
C TYR A 200 -6.88 2.12 -20.22
N VAL A 201 -6.72 1.05 -20.98
CA VAL A 201 -7.83 0.20 -21.39
C VAL A 201 -7.86 -1.03 -20.49
N ARG A 202 -9.01 -1.28 -19.84
CA ARG A 202 -9.22 -2.47 -18.99
C ARG A 202 -10.01 -3.55 -19.74
#